data_1IJ6
#
_entry.id   1IJ6
#
_cell.length_a   64.4
_cell.length_b   64.4
_cell.length_c   209.4
_cell.angle_alpha   90
_cell.angle_beta   90
_cell.angle_gamma   120
#
_symmetry.space_group_name_H-M   'P 32 2 1'
#
loop_
_entity.id
_entity.type
_entity.pdbx_description
1 polymer 'PLASMODIAL SPECIFIC LAV1-2 PROTEIN'
2 non-polymer 'CALCIUM ION'
#
_entity_poly.entity_id   1
_entity_poly.type   'polypeptide(L)'
_entity_poly.pdbx_seq_one_letter_code
;EIFSQELTQREANVKKVHENLEELQKKLDHTSFAHKEDRDRLEAQIAQKEQEQKAKLAEYDQKVQNEFDARERAEREREA
ARGDAAAEKQRLASLLKDLEDDASGYNRLRPSKPMLSEEDTNILRQLFLSSAVSGSGKFSFQDLKQVLAKYADTIPEGPL
KKLFVMVENDTKGRMSYITLVAVANDLAALVADFRKIDTNSNGTLSRKEFREHFVRLGFDKKSVQDALFRYADEDESDDV
GFSEYVHLGLCLLVLRILYAFADFDKSGQLSKEEVQKVLEDAHIPESARKKFEHQFSVVDVDDSKSLSYQEFVMLVLLMF
HDD
;
_entity_poly.pdbx_strand_id   A
#
# COMPACT_ATOMS: atom_id res chain seq x y z
N GLU A 1 3.64 -16.48 4.53
CA GLU A 1 3.51 -17.72 5.33
C GLU A 1 2.12 -18.37 5.25
N ILE A 2 1.37 -18.08 4.19
CA ILE A 2 0.06 -18.68 3.97
C ILE A 2 0.28 -19.72 2.89
N PHE A 3 0.64 -20.93 3.30
CA PHE A 3 0.91 -22.03 2.37
C PHE A 3 -0.38 -22.75 1.98
N SER A 4 -0.94 -22.43 0.83
CA SER A 4 -2.19 -23.06 0.38
C SER A 4 -2.36 -23.10 -1.15
N GLN A 5 -2.15 -24.25 -1.75
CA GLN A 5 -2.26 -24.44 -3.20
C GLN A 5 -3.44 -23.83 -3.94
N GLU A 6 -4.62 -23.81 -3.33
CA GLU A 6 -5.79 -23.24 -4.01
C GLU A 6 -5.45 -21.83 -4.47
N LEU A 7 -4.69 -21.13 -3.62
CA LEU A 7 -4.27 -19.77 -3.89
C LEU A 7 -3.08 -19.79 -4.85
N THR A 8 -2.01 -20.49 -4.47
CA THR A 8 -0.82 -20.60 -5.31
C THR A 8 -1.26 -20.91 -6.74
N GLN A 9 -2.14 -21.89 -6.88
CA GLN A 9 -2.64 -22.25 -8.20
C GLN A 9 -3.20 -20.98 -8.83
N ARG A 10 -4.16 -20.37 -8.15
CA ARG A 10 -4.82 -19.16 -8.61
C ARG A 10 -3.90 -18.01 -9.00
N GLU A 11 -2.81 -17.84 -8.24
CA GLU A 11 -1.87 -16.77 -8.55
C GLU A 11 -1.08 -17.12 -9.80
N ALA A 12 -0.68 -18.39 -9.90
CA ALA A 12 0.10 -18.84 -11.05
C ALA A 12 -0.60 -18.60 -12.37
N ASN A 13 -1.88 -18.97 -12.45
CA ASN A 13 -2.60 -18.79 -13.69
C ASN A 13 -2.91 -17.35 -14.05
N VAL A 14 -3.44 -16.58 -13.10
CA VAL A 14 -3.74 -15.17 -13.37
C VAL A 14 -2.49 -14.56 -13.99
N LYS A 15 -1.33 -14.99 -13.52
CA LYS A 15 -0.08 -14.50 -14.07
C LYS A 15 -0.03 -14.82 -15.55
N LYS A 16 -0.34 -16.06 -15.90
CA LYS A 16 -0.32 -16.45 -17.31
C LYS A 16 -1.12 -15.43 -18.13
N VAL A 17 -2.31 -15.09 -17.66
CA VAL A 17 -3.16 -14.12 -18.35
C VAL A 17 -2.43 -12.78 -18.50
N HIS A 18 -1.78 -12.34 -17.43
CA HIS A 18 -1.05 -11.08 -17.45
C HIS A 18 0.20 -11.16 -18.32
N GLU A 19 1.00 -12.20 -18.15
CA GLU A 19 2.21 -12.36 -18.95
C GLU A 19 1.79 -12.46 -20.41
N ASN A 20 0.51 -12.79 -20.64
CA ASN A 20 0.02 -12.90 -21.99
C ASN A 20 -0.24 -11.47 -22.47
N LEU A 21 -1.26 -10.85 -21.87
CA LEU A 21 -1.63 -9.48 -22.18
C LEU A 21 -0.39 -8.60 -22.32
N GLU A 22 0.49 -8.67 -21.32
CA GLU A 22 1.72 -7.90 -21.32
C GLU A 22 2.41 -8.06 -22.66
N GLU A 23 2.75 -9.30 -22.99
CA GLU A 23 3.44 -9.64 -24.24
C GLU A 23 2.62 -9.25 -25.47
N LEU A 24 1.32 -9.44 -25.39
CA LEU A 24 0.45 -9.11 -26.51
C LEU A 24 0.61 -7.61 -26.83
N GLN A 25 0.33 -6.75 -25.86
CA GLN A 25 0.43 -5.32 -26.07
C GLN A 25 1.85 -4.93 -26.52
N LYS A 26 2.86 -5.58 -25.98
CA LYS A 26 4.24 -5.27 -26.37
C LYS A 26 4.33 -5.06 -27.88
N LYS A 27 3.60 -5.88 -28.62
CA LYS A 27 3.59 -5.78 -30.08
C LYS A 27 3.01 -4.43 -30.50
N LEU A 28 1.71 -4.28 -30.32
CA LEU A 28 1.02 -3.06 -30.67
C LEU A 28 1.91 -1.84 -30.45
N ASP A 29 2.61 -1.80 -29.33
CA ASP A 29 3.47 -0.65 -29.03
C ASP A 29 4.59 -0.37 -30.02
N HIS A 30 4.83 -1.28 -30.95
CA HIS A 30 5.84 -0.99 -31.96
C HIS A 30 5.59 -1.73 -33.27
N THR A 31 4.35 -1.58 -33.75
CA THR A 31 3.94 -2.14 -35.01
C THR A 31 3.59 -0.86 -35.77
N SER A 32 4.30 -0.61 -36.86
CA SER A 32 4.08 0.60 -37.66
C SER A 32 2.58 0.85 -37.75
N PHE A 33 2.19 2.12 -37.64
CA PHE A 33 0.77 2.44 -37.70
C PHE A 33 0.15 2.01 -39.01
N ALA A 34 0.44 0.78 -39.39
CA ALA A 34 -0.08 0.17 -40.61
C ALA A 34 -1.54 -0.21 -40.39
N HIS A 35 -2.33 -0.17 -41.48
CA HIS A 35 -3.76 -0.47 -41.48
C HIS A 35 -4.20 -1.56 -40.48
N ASP A 40 -4.70 -3.23 -34.49
CA ASP A 40 -5.90 -2.81 -33.72
C ASP A 40 -6.63 -4.03 -33.17
N ARG A 41 -6.37 -5.20 -33.76
CA ARG A 41 -6.98 -6.41 -33.22
C ARG A 41 -6.26 -6.56 -31.90
N LEU A 42 -4.96 -6.28 -31.92
CA LEU A 42 -4.18 -6.35 -30.71
C LEU A 42 -4.98 -5.50 -29.73
N GLU A 43 -5.26 -4.27 -30.13
CA GLU A 43 -6.05 -3.37 -29.29
C GLU A 43 -7.31 -4.09 -28.83
N ALA A 44 -7.81 -4.97 -29.70
CA ALA A 44 -9.00 -5.73 -29.37
C ALA A 44 -8.63 -6.77 -28.30
N GLN A 45 -7.67 -7.62 -28.63
CA GLN A 45 -7.22 -8.65 -27.72
C GLN A 45 -6.80 -8.03 -26.39
N ILE A 46 -6.05 -6.93 -26.45
CA ILE A 46 -5.62 -6.28 -25.22
C ILE A 46 -6.86 -6.16 -24.36
N ALA A 47 -7.81 -5.36 -24.84
CA ALA A 47 -9.07 -5.14 -24.13
C ALA A 47 -9.67 -6.45 -23.66
N GLN A 48 -9.50 -7.50 -24.45
CA GLN A 48 -10.04 -8.80 -24.11
C GLN A 48 -9.29 -9.48 -22.95
N LYS A 49 -7.98 -9.60 -23.08
CA LYS A 49 -7.19 -10.24 -22.04
C LYS A 49 -7.22 -9.40 -20.77
N GLU A 50 -7.81 -8.20 -20.87
CA GLU A 50 -7.90 -7.27 -19.75
C GLU A 50 -9.11 -7.43 -18.81
N GLN A 51 -10.23 -7.90 -19.34
CA GLN A 51 -11.42 -8.10 -18.52
C GLN A 51 -11.27 -9.39 -17.74
N GLU A 52 -10.66 -10.38 -18.40
CA GLU A 52 -10.44 -11.69 -17.79
C GLU A 52 -9.64 -11.54 -16.53
N GLN A 53 -8.59 -10.75 -16.62
CA GLN A 53 -7.71 -10.52 -15.49
C GLN A 53 -8.53 -10.03 -14.31
N LYS A 54 -9.38 -9.04 -14.56
CA LYS A 54 -10.21 -8.47 -13.51
C LYS A 54 -11.02 -9.59 -12.87
N ALA A 55 -11.72 -10.34 -13.71
CA ALA A 55 -12.56 -11.45 -13.27
C ALA A 55 -11.75 -12.45 -12.48
N LYS A 56 -10.54 -12.74 -12.94
CA LYS A 56 -9.68 -13.68 -12.25
C LYS A 56 -9.17 -13.11 -10.93
N LEU A 57 -8.71 -11.86 -10.96
CA LEU A 57 -8.20 -11.21 -9.76
C LEU A 57 -9.35 -11.05 -8.77
N ALA A 58 -10.55 -10.88 -9.30
CA ALA A 58 -11.74 -10.72 -8.47
C ALA A 58 -11.97 -11.98 -7.63
N GLU A 59 -11.92 -13.15 -8.27
CA GLU A 59 -12.12 -14.42 -7.59
C GLU A 59 -10.99 -14.69 -6.62
N TYR A 60 -9.78 -14.38 -7.05
CA TYR A 60 -8.58 -14.58 -6.23
C TYR A 60 -8.62 -13.72 -4.97
N ASP A 61 -9.04 -12.47 -5.12
CA ASP A 61 -9.12 -11.53 -4.00
C ASP A 61 -10.00 -12.03 -2.86
N GLN A 62 -11.09 -12.71 -3.19
CA GLN A 62 -12.00 -13.23 -2.16
C GLN A 62 -11.43 -14.46 -1.45
N LYS A 63 -10.62 -15.25 -2.14
CA LYS A 63 -10.03 -16.41 -1.51
C LYS A 63 -8.99 -15.92 -0.50
N VAL A 64 -8.43 -14.74 -0.76
CA VAL A 64 -7.44 -14.14 0.11
C VAL A 64 -8.07 -13.58 1.38
N GLN A 65 -9.20 -12.94 1.22
CA GLN A 65 -9.91 -12.35 2.34
C GLN A 65 -10.32 -13.46 3.31
N ASN A 66 -10.91 -14.53 2.79
CA ASN A 66 -11.33 -15.66 3.59
C ASN A 66 -10.18 -16.22 4.42
N GLU A 67 -8.99 -16.26 3.84
CA GLU A 67 -7.83 -16.75 4.57
C GLU A 67 -7.50 -15.80 5.71
N PHE A 68 -7.51 -14.51 5.44
CA PHE A 68 -7.22 -13.52 6.47
C PHE A 68 -8.21 -13.66 7.59
N ASP A 69 -9.49 -13.76 7.26
CA ASP A 69 -10.51 -13.91 8.29
C ASP A 69 -10.17 -15.07 9.18
N ALA A 70 -10.02 -16.25 8.59
CA ALA A 70 -9.68 -17.45 9.33
C ALA A 70 -8.43 -17.21 10.18
N ARG A 71 -7.44 -16.53 9.60
CA ARG A 71 -6.20 -16.24 10.30
C ARG A 71 -6.43 -15.34 11.50
N GLU A 72 -7.27 -14.32 11.36
CA GLU A 72 -7.53 -13.40 12.47
C GLU A 72 -8.24 -14.13 13.59
N ARG A 73 -9.35 -14.75 13.27
CA ARG A 73 -10.09 -15.49 14.27
C ARG A 73 -9.07 -16.41 14.95
N ALA A 74 -8.44 -17.27 14.17
CA ALA A 74 -7.47 -18.21 14.70
C ALA A 74 -6.43 -17.54 15.60
N GLU A 75 -6.31 -16.23 15.53
CA GLU A 75 -5.35 -15.53 16.36
C GLU A 75 -5.99 -15.06 17.65
N ARG A 76 -7.23 -14.57 17.53
CA ARG A 76 -7.95 -14.11 18.69
C ARG A 76 -8.04 -15.28 19.69
N GLU A 77 -8.28 -16.48 19.17
CA GLU A 77 -8.34 -17.69 19.97
C GLU A 77 -7.05 -17.74 20.79
N ARG A 78 -5.94 -18.04 20.13
CA ARG A 78 -4.63 -18.10 20.81
C ARG A 78 -4.48 -17.06 21.93
N GLU A 79 -4.91 -15.83 21.65
CA GLU A 79 -4.80 -14.76 22.63
C GLU A 79 -5.54 -15.14 23.91
N ALA A 80 -6.82 -15.46 23.77
CA ALA A 80 -7.60 -15.85 24.93
C ALA A 80 -6.86 -16.99 25.63
N ALA A 81 -6.68 -18.10 24.91
CA ALA A 81 -5.96 -19.26 25.45
C ALA A 81 -4.87 -18.81 26.43
N ARG A 82 -4.27 -17.66 26.14
CA ARG A 82 -3.26 -17.10 27.03
C ARG A 82 -4.05 -16.32 28.10
N GLY A 83 -3.67 -15.08 28.35
CA GLY A 83 -4.34 -14.26 29.35
C GLY A 83 -5.83 -13.98 29.16
N ASP A 84 -6.31 -13.06 30.01
CA ASP A 84 -7.72 -12.64 30.05
C ASP A 84 -8.40 -12.28 28.72
N ALA A 85 -9.28 -13.17 28.25
CA ALA A 85 -10.01 -13.01 27.01
C ALA A 85 -10.75 -11.69 26.87
N ALA A 86 -10.91 -10.96 27.98
CA ALA A 86 -11.58 -9.67 27.96
C ALA A 86 -10.57 -8.57 28.23
N ALA A 87 -9.43 -8.96 28.82
CA ALA A 87 -8.37 -7.98 29.11
C ALA A 87 -7.74 -7.62 27.78
N GLU A 88 -8.30 -8.19 26.72
CA GLU A 88 -7.84 -7.97 25.36
C GLU A 88 -8.98 -7.42 24.51
N LYS A 89 -10.19 -7.89 24.78
CA LYS A 89 -11.34 -7.39 24.02
C LYS A 89 -11.34 -5.87 24.11
N GLN A 90 -10.92 -5.37 25.27
CA GLN A 90 -10.87 -3.94 25.56
C GLN A 90 -9.82 -3.21 24.74
N ARG A 91 -8.55 -3.60 24.94
CA ARG A 91 -7.45 -2.97 24.23
C ARG A 91 -7.85 -2.68 22.77
N LEU A 92 -8.36 -3.69 22.06
CA LEU A 92 -8.77 -3.48 20.69
C LEU A 92 -9.82 -2.39 20.58
N ALA A 93 -10.84 -2.45 21.43
CA ALA A 93 -11.90 -1.45 21.40
C ALA A 93 -11.39 -0.08 21.88
N SER A 94 -10.47 -0.09 22.83
CA SER A 94 -9.92 1.16 23.32
C SER A 94 -9.15 1.76 22.16
N LEU A 95 -8.23 0.99 21.57
CA LEU A 95 -7.43 1.43 20.44
C LEU A 95 -8.31 1.81 19.24
N LEU A 96 -9.12 0.86 18.79
CA LEU A 96 -10.03 1.10 17.67
C LEU A 96 -10.91 2.34 17.86
N LYS A 97 -10.94 2.86 19.09
CA LYS A 97 -11.75 4.05 19.40
C LYS A 97 -11.15 5.32 18.82
N ASP A 98 -9.82 5.40 18.77
CA ASP A 98 -9.11 6.56 18.27
C ASP A 98 -9.49 6.94 16.83
N LEU A 99 -10.30 6.13 16.16
CA LEU A 99 -10.70 6.46 14.79
C LEU A 99 -12.00 7.26 14.82
N GLU A 100 -12.58 7.37 16.02
CA GLU A 100 -13.84 8.08 16.24
C GLU A 100 -13.93 9.47 15.64
N LYS A 113 -10.65 12.85 10.66
CA LYS A 113 -11.41 11.56 10.77
C LYS A 113 -12.49 11.45 9.67
N PRO A 114 -12.78 10.22 9.23
CA PRO A 114 -13.80 10.00 8.19
C PRO A 114 -15.01 9.23 8.71
N MET A 115 -15.83 8.72 7.79
CA MET A 115 -17.03 7.95 8.12
C MET A 115 -16.75 6.44 8.20
N LEU A 116 -15.83 6.02 9.06
CA LEU A 116 -15.51 4.61 9.13
C LEU A 116 -16.58 3.76 9.80
N SER A 117 -17.13 2.83 9.01
CA SER A 117 -18.18 1.92 9.50
C SER A 117 -17.62 0.61 10.03
N GLU A 118 -18.45 -0.10 10.79
CA GLU A 118 -18.09 -1.39 11.36
C GLU A 118 -17.27 -2.13 10.31
N GLU A 119 -17.85 -2.26 9.13
CA GLU A 119 -17.21 -2.94 8.01
C GLU A 119 -15.76 -2.52 7.84
N ASP A 120 -15.53 -1.24 7.56
CA ASP A 120 -14.20 -0.72 7.35
C ASP A 120 -13.33 -0.85 8.61
N THR A 121 -13.90 -0.56 9.76
CA THR A 121 -13.14 -0.64 11.01
C THR A 121 -12.57 -2.03 11.18
N ASN A 122 -13.34 -3.04 10.82
CA ASN A 122 -12.87 -4.42 10.94
C ASN A 122 -11.67 -4.65 10.01
N ILE A 123 -11.75 -4.07 8.80
CA ILE A 123 -10.66 -4.20 7.83
C ILE A 123 -9.38 -3.63 8.41
N LEU A 124 -9.52 -2.53 9.14
CA LEU A 124 -8.39 -1.87 9.76
C LEU A 124 -7.97 -2.64 11.00
N ARG A 125 -8.92 -3.31 11.61
CA ARG A 125 -8.65 -4.10 12.80
C ARG A 125 -7.75 -5.28 12.41
N GLN A 126 -8.00 -5.80 11.21
CA GLN A 126 -7.26 -6.93 10.64
C GLN A 126 -5.88 -6.51 10.15
N LEU A 127 -5.83 -5.39 9.44
CA LEU A 127 -4.57 -4.88 8.91
C LEU A 127 -3.67 -4.35 10.01
N PHE A 128 -4.18 -3.42 10.80
CA PHE A 128 -3.39 -2.78 11.85
C PHE A 128 -3.56 -3.22 13.29
N LEU A 129 -4.27 -4.33 13.53
CA LEU A 129 -4.47 -4.84 14.88
C LEU A 129 -4.52 -6.36 14.94
N SER A 130 -3.58 -7.02 14.26
CA SER A 130 -3.48 -8.48 14.21
C SER A 130 -2.42 -8.86 13.20
N SER A 131 -2.00 -10.12 13.21
CA SER A 131 -0.98 -10.54 12.27
C SER A 131 -1.54 -11.39 11.13
N ALA A 132 -2.83 -11.21 10.87
CA ALA A 132 -3.51 -11.95 9.82
C ALA A 132 -2.99 -11.59 8.43
N VAL A 133 -2.53 -10.35 8.25
CA VAL A 133 -2.02 -9.94 6.95
C VAL A 133 -0.53 -9.72 7.06
N SER A 134 -0.12 -9.17 8.20
CA SER A 134 1.27 -8.91 8.49
C SER A 134 2.11 -10.12 8.10
N GLY A 135 2.95 -9.97 7.09
CA GLY A 135 3.80 -11.07 6.66
C GLY A 135 3.12 -12.38 6.32
N SER A 136 1.98 -12.31 5.62
CA SER A 136 1.27 -13.51 5.24
C SER A 136 1.62 -13.81 3.80
N GLY A 137 2.21 -12.81 3.14
CA GLY A 137 2.59 -12.94 1.75
C GLY A 137 1.48 -12.57 0.81
N LYS A 138 0.31 -12.28 1.35
CA LYS A 138 -0.84 -11.92 0.53
C LYS A 138 -1.40 -10.55 0.90
N PHE A 139 -2.23 -10.00 0.03
CA PHE A 139 -2.84 -8.70 0.26
C PHE A 139 -4.01 -8.60 -0.72
N SER A 140 -5.03 -7.84 -0.36
CA SER A 140 -6.20 -7.70 -1.24
C SER A 140 -6.50 -6.26 -1.61
N PHE A 141 -6.60 -5.99 -2.89
CA PHE A 141 -6.90 -4.64 -3.35
C PHE A 141 -8.29 -4.25 -2.85
N GLN A 142 -9.22 -5.17 -2.98
CA GLN A 142 -10.61 -4.97 -2.55
C GLN A 142 -10.72 -4.32 -1.17
N ASP A 143 -9.97 -4.82 -0.20
CA ASP A 143 -10.01 -4.23 1.14
C ASP A 143 -9.35 -2.85 1.13
N LEU A 144 -8.24 -2.72 0.40
CA LEU A 144 -7.52 -1.46 0.30
C LEU A 144 -8.29 -0.40 -0.47
N LYS A 145 -9.03 -0.82 -1.48
CA LYS A 145 -9.80 0.12 -2.26
C LYS A 145 -10.89 0.74 -1.39
N GLN A 146 -11.54 -0.10 -0.60
CA GLN A 146 -12.61 0.33 0.28
C GLN A 146 -12.17 1.39 1.29
N VAL A 147 -11.07 1.14 2.00
CA VAL A 147 -10.57 2.10 2.98
C VAL A 147 -10.10 3.43 2.37
N LEU A 148 -9.21 3.38 1.40
CA LEU A 148 -8.75 4.61 0.75
C LEU A 148 -9.96 5.42 0.33
N ALA A 149 -11.00 4.72 -0.14
CA ALA A 149 -12.22 5.38 -0.58
C ALA A 149 -12.66 6.37 0.48
N LYS A 150 -13.02 5.85 1.65
CA LYS A 150 -13.47 6.69 2.75
C LYS A 150 -12.31 7.30 3.54
N TYR A 151 -11.28 7.75 2.83
CA TYR A 151 -10.12 8.38 3.49
C TYR A 151 -9.62 9.56 2.67
N ALA A 152 -9.79 9.50 1.36
CA ALA A 152 -9.35 10.58 0.47
C ALA A 152 -9.82 11.91 1.04
N ASP A 153 -11.14 12.06 1.15
CA ASP A 153 -11.73 13.26 1.70
C ASP A 153 -10.82 13.85 2.77
N THR A 154 -10.63 13.10 3.84
CA THR A 154 -9.77 13.55 4.93
C THR A 154 -8.63 14.37 4.33
N ILE A 155 -8.07 13.87 3.24
CA ILE A 155 -6.98 14.56 2.55
C ILE A 155 -7.54 15.72 1.73
N PRO A 156 -7.01 16.93 1.99
CA PRO A 156 -7.45 18.13 1.26
C PRO A 156 -7.14 17.93 -0.20
N GLU A 157 -7.89 18.60 -1.07
CA GLU A 157 -7.60 18.49 -2.49
C GLU A 157 -6.13 18.86 -2.65
N GLY A 158 -5.50 18.41 -3.72
CA GLY A 158 -4.10 18.72 -3.92
C GLY A 158 -3.37 17.57 -4.59
N PRO A 159 -2.04 17.45 -4.42
CA PRO A 159 -1.34 16.34 -5.06
C PRO A 159 -1.46 15.00 -4.35
N LEU A 160 -1.15 14.99 -3.06
CA LEU A 160 -1.22 13.76 -2.29
C LEU A 160 -2.55 13.04 -2.41
N LYS A 161 -3.65 13.78 -2.53
CA LYS A 161 -4.95 13.15 -2.66
C LYS A 161 -5.13 12.55 -4.04
N LYS A 162 -4.34 13.04 -4.99
CA LYS A 162 -4.40 12.52 -6.35
C LYS A 162 -3.70 11.18 -6.38
N LEU A 163 -2.49 11.11 -5.82
CA LEU A 163 -1.75 9.85 -5.77
C LEU A 163 -2.68 8.83 -5.13
N PHE A 164 -3.38 9.27 -4.08
CA PHE A 164 -4.32 8.42 -3.37
C PHE A 164 -5.41 7.89 -4.27
N VAL A 165 -6.17 8.79 -4.90
CA VAL A 165 -7.28 8.37 -5.76
C VAL A 165 -6.84 7.65 -7.04
N MET A 166 -5.56 7.77 -7.39
CA MET A 166 -5.10 7.09 -8.58
C MET A 166 -5.08 5.59 -8.29
N VAL A 167 -4.76 5.26 -7.05
CA VAL A 167 -4.70 3.88 -6.61
C VAL A 167 -6.09 3.28 -6.49
N GLU A 168 -7.09 4.12 -6.17
CA GLU A 168 -8.45 3.67 -5.94
C GLU A 168 -9.24 3.49 -7.21
N ASN A 169 -9.18 4.48 -8.05
CA ASN A 169 -9.90 4.31 -9.26
C ASN A 169 -9.59 2.97 -9.93
N ASP A 170 -8.42 2.41 -9.67
CA ASP A 170 -8.01 1.13 -10.28
C ASP A 170 -8.31 0.99 -11.80
N THR A 171 -7.72 1.89 -12.59
CA THR A 171 -7.89 1.87 -14.05
C THR A 171 -7.30 0.67 -14.78
N LYS A 172 -8.50 -0.18 -15.44
CA LYS A 172 -7.96 -1.34 -16.14
C LYS A 172 -7.40 -2.38 -15.17
N GLY A 173 -7.77 -2.26 -13.90
CA GLY A 173 -7.31 -3.19 -12.88
C GLY A 173 -5.80 -3.35 -12.75
N ARG A 174 -5.07 -2.40 -13.31
CA ARG A 174 -3.61 -2.44 -13.25
C ARG A 174 -3.14 -2.29 -11.81
N MET A 175 -3.96 -1.69 -10.97
CA MET A 175 -3.62 -1.51 -9.57
C MET A 175 -3.96 -2.80 -8.85
N SER A 176 -5.07 -3.40 -9.26
CA SER A 176 -5.56 -4.65 -8.68
C SER A 176 -4.55 -5.77 -8.83
N TYR A 177 -3.92 -5.85 -9.99
CA TYR A 177 -2.93 -6.88 -10.24
C TYR A 177 -1.66 -6.67 -9.39
N ILE A 178 -1.15 -5.45 -9.32
CA ILE A 178 0.06 -5.14 -8.55
C ILE A 178 -0.12 -5.47 -7.07
N THR A 179 -1.33 -5.27 -6.56
CA THR A 179 -1.61 -5.52 -5.16
C THR A 179 -1.72 -7.00 -4.81
N LEU A 180 -2.55 -7.70 -5.57
CA LEU A 180 -2.80 -9.12 -5.38
C LEU A 180 -1.67 -10.04 -5.82
N VAL A 181 -1.07 -9.76 -6.97
CA VAL A 181 0.01 -10.60 -7.47
C VAL A 181 1.43 -10.04 -7.40
N ALA A 182 1.69 -8.96 -8.12
CA ALA A 182 3.01 -8.34 -8.20
C ALA A 182 3.77 -7.95 -6.94
N VAL A 183 3.16 -7.20 -6.04
CA VAL A 183 3.85 -6.77 -4.82
C VAL A 183 3.13 -7.08 -3.50
N ALA A 184 2.28 -8.10 -3.49
CA ALA A 184 1.52 -8.49 -2.29
C ALA A 184 2.42 -8.88 -1.11
N ASN A 185 3.51 -9.56 -1.39
CA ASN A 185 4.44 -9.98 -0.36
C ASN A 185 5.02 -8.73 0.29
N ASP A 186 5.26 -7.72 -0.52
CA ASP A 186 5.83 -6.45 -0.04
C ASP A 186 4.83 -5.57 0.69
N LEU A 187 3.56 -5.65 0.31
CA LEU A 187 2.52 -4.86 0.93
C LEU A 187 2.22 -5.38 2.33
N ALA A 188 2.37 -6.68 2.52
CA ALA A 188 2.12 -7.31 3.81
C ALA A 188 3.25 -7.07 4.82
N ALA A 189 4.43 -6.70 4.32
CA ALA A 189 5.56 -6.43 5.19
C ALA A 189 5.53 -5.00 5.73
N LEU A 190 4.84 -4.12 5.01
CA LEU A 190 4.71 -2.72 5.42
C LEU A 190 3.66 -2.61 6.49
N VAL A 191 2.81 -3.63 6.58
CA VAL A 191 1.72 -3.69 7.56
C VAL A 191 2.15 -4.39 8.87
N ALA A 192 1.55 -4.01 9.99
CA ALA A 192 1.89 -4.61 11.28
C ALA A 192 0.85 -4.31 12.34
N ASP A 193 0.85 -5.12 13.40
CA ASP A 193 -0.08 -4.97 14.50
C ASP A 193 0.39 -3.92 15.47
N PHE A 194 -0.30 -2.80 15.51
CA PHE A 194 0.05 -1.69 16.39
C PHE A 194 0.44 -2.11 17.82
N ARG A 195 -0.23 -3.13 18.34
CA ARG A 195 0.04 -3.60 19.71
C ARG A 195 1.43 -4.18 19.92
N LYS A 196 2.09 -4.55 18.84
CA LYS A 196 3.40 -5.13 18.96
C LYS A 196 4.41 -4.05 18.79
N ILE A 197 3.96 -3.05 18.07
CA ILE A 197 4.82 -1.92 17.91
C ILE A 197 4.93 -1.27 19.26
N ASP A 198 3.78 -0.86 19.78
CA ASP A 198 3.64 -0.21 21.07
C ASP A 198 4.18 -1.18 22.14
N THR A 199 5.50 -1.21 22.31
CA THR A 199 6.14 -2.11 23.27
C THR A 199 5.90 -1.78 24.76
N ASN A 200 4.99 -0.86 25.11
CA ASN A 200 4.75 -0.49 26.55
C ASN A 200 3.27 -0.38 26.92
N SER A 201 2.51 -0.72 25.92
CA SER A 201 1.07 -0.89 25.87
C SER A 201 0.17 0.24 26.21
N ASN A 202 0.69 1.48 25.96
CA ASN A 202 -0.10 2.71 26.09
C ASN A 202 -0.47 2.95 24.62
N GLY A 203 -1.63 3.48 24.33
CA GLY A 203 -2.11 3.68 22.97
C GLY A 203 -1.27 4.64 22.09
N THR A 204 0.03 4.77 22.29
CA THR A 204 0.81 5.67 21.44
C THR A 204 2.25 5.19 21.24
N LEU A 205 2.68 5.21 19.98
CA LEU A 205 4.05 4.81 19.64
C LEU A 205 4.94 6.00 19.97
N SER A 206 6.05 5.72 20.66
CA SER A 206 6.99 6.77 21.04
C SER A 206 7.92 7.02 19.87
N ARG A 207 8.76 8.03 20.02
CA ARG A 207 9.71 8.35 18.98
C ARG A 207 10.69 7.19 18.84
N LYS A 208 10.97 6.54 19.96
CA LYS A 208 11.90 5.42 19.93
C LYS A 208 11.29 4.22 19.23
N GLU A 209 10.10 3.84 19.67
CA GLU A 209 9.40 2.70 19.09
C GLU A 209 9.16 2.91 17.61
N PHE A 210 8.61 4.08 17.27
CA PHE A 210 8.34 4.43 15.87
C PHE A 210 9.58 4.07 15.08
N ARG A 211 10.67 4.77 15.34
CA ARG A 211 11.94 4.54 14.67
C ARG A 211 12.23 3.07 14.58
N GLU A 212 12.45 2.46 15.73
CA GLU A 212 12.75 1.04 15.86
C GLU A 212 11.91 0.15 14.96
N HIS A 213 10.63 0.48 14.81
CA HIS A 213 9.77 -0.32 13.96
C HIS A 213 10.12 -0.04 12.51
N PHE A 214 10.04 1.23 12.13
CA PHE A 214 10.33 1.65 10.78
C PHE A 214 11.74 1.46 10.28
N VAL A 215 12.67 1.17 11.18
CA VAL A 215 14.05 0.94 10.76
C VAL A 215 14.09 -0.46 10.17
N ARG A 216 13.12 -1.28 10.56
CA ARG A 216 13.05 -2.66 10.10
C ARG A 216 12.09 -2.84 8.92
N LEU A 217 11.87 -1.77 8.17
CA LEU A 217 11.01 -1.84 7.00
C LEU A 217 11.75 -1.19 5.84
N GLY A 218 13.00 -0.83 6.09
CA GLY A 218 13.82 -0.21 5.06
C GLY A 218 14.02 1.28 5.22
N PHE A 219 13.85 1.78 6.45
CA PHE A 219 14.01 3.20 6.71
C PHE A 219 15.07 3.42 7.78
N ASP A 220 16.33 3.40 7.35
CA ASP A 220 17.47 3.57 8.25
C ASP A 220 17.94 5.02 8.37
N LYS A 221 17.48 5.86 7.45
CA LYS A 221 17.84 7.27 7.45
C LYS A 221 17.07 8.05 8.53
N LYS A 222 17.79 8.68 9.45
CA LYS A 222 17.15 9.49 10.49
C LYS A 222 16.32 10.56 9.78
N SER A 223 16.96 11.25 8.87
CA SER A 223 16.34 12.31 8.10
C SER A 223 15.00 11.89 7.53
N VAL A 224 14.89 10.64 7.12
CA VAL A 224 13.64 10.15 6.54
C VAL A 224 12.65 9.72 7.62
N GLN A 225 13.17 9.18 8.71
CA GLN A 225 12.29 8.73 9.77
C GLN A 225 11.53 9.90 10.35
N ASP A 226 12.25 10.96 10.72
CA ASP A 226 11.66 12.17 11.28
C ASP A 226 10.63 12.68 10.30
N ALA A 227 10.87 12.40 9.03
CA ALA A 227 9.96 12.81 7.97
C ALA A 227 8.65 12.10 8.13
N LEU A 228 8.71 10.80 8.39
CA LEU A 228 7.51 10.00 8.56
C LEU A 228 6.80 10.39 9.85
N PHE A 229 7.56 10.48 10.93
CA PHE A 229 7.00 10.86 12.23
C PHE A 229 6.30 12.20 12.10
N ARG A 230 6.91 13.11 11.36
CA ARG A 230 6.35 14.43 11.16
C ARG A 230 5.08 14.35 10.32
N TYR A 231 4.97 13.29 9.53
CA TYR A 231 3.83 13.11 8.66
C TYR A 231 2.63 12.60 9.44
N ALA A 232 2.83 11.52 10.18
CA ALA A 232 1.84 10.85 11.00
C ALA A 232 1.31 11.77 12.10
N ASP A 233 2.19 12.13 13.03
CA ASP A 233 1.86 12.97 14.16
C ASP A 233 1.31 14.37 13.81
N GLU A 234 0.00 14.43 13.59
CA GLU A 234 -0.69 15.67 13.25
C GLU A 234 -0.92 16.63 14.42
N ASP A 235 -1.61 16.22 15.48
CA ASP A 235 -1.81 17.16 16.58
C ASP A 235 -0.49 17.59 17.21
N GLU A 236 0.59 17.18 16.60
CA GLU A 236 1.92 17.58 17.04
C GLU A 236 2.33 17.28 18.48
N SER A 237 2.46 16.01 18.82
CA SER A 237 2.90 15.55 20.14
C SER A 237 3.97 14.48 19.88
N ASP A 238 5.12 14.58 20.54
CA ASP A 238 6.18 13.61 20.31
C ASP A 238 5.75 12.14 20.41
N ASP A 239 4.44 11.88 20.37
CA ASP A 239 3.90 10.53 20.42
C ASP A 239 3.00 10.26 19.21
N VAL A 240 2.86 8.99 18.81
CA VAL A 240 2.00 8.63 17.68
C VAL A 240 0.93 7.65 18.11
N GLY A 241 -0.31 8.00 17.83
CA GLY A 241 -1.41 7.14 18.22
C GLY A 241 -2.01 6.31 17.10
N PHE A 242 -2.40 5.08 17.43
CA PHE A 242 -3.00 4.17 16.46
C PHE A 242 -3.69 4.85 15.26
N SER A 243 -4.48 5.89 15.51
CA SER A 243 -5.16 6.55 14.40
C SER A 243 -4.23 7.22 13.38
N GLU A 244 -3.11 7.75 13.86
CA GLU A 244 -2.15 8.40 12.99
C GLU A 244 -1.31 7.34 12.33
N TYR A 245 -1.02 6.29 13.10
CA TYR A 245 -0.26 5.17 12.60
C TYR A 245 -1.03 4.62 11.41
N VAL A 246 -2.33 4.45 11.57
CA VAL A 246 -3.18 3.95 10.51
C VAL A 246 -3.12 4.89 9.32
N HIS A 247 -2.95 6.17 9.61
CA HIS A 247 -2.89 7.18 8.56
C HIS A 247 -1.61 7.06 7.78
N LEU A 248 -0.51 6.93 8.50
CA LEU A 248 0.80 6.79 7.86
C LEU A 248 0.85 5.44 7.16
N GLY A 249 0.15 4.46 7.75
CA GLY A 249 0.10 3.13 7.20
C GLY A 249 -0.53 3.07 5.82
N LEU A 250 -1.66 3.73 5.63
CA LEU A 250 -2.34 3.74 4.34
C LEU A 250 -1.57 4.53 3.30
N CYS A 251 -0.75 5.49 3.74
CA CYS A 251 0.03 6.31 2.82
C CYS A 251 1.17 5.49 2.23
N LEU A 252 1.82 4.69 3.06
CA LEU A 252 2.94 3.86 2.61
C LEU A 252 2.48 2.77 1.66
N LEU A 253 1.35 2.13 1.94
CA LEU A 253 0.84 1.11 1.05
C LEU A 253 0.64 1.74 -0.30
N VAL A 254 -0.11 2.84 -0.32
CA VAL A 254 -0.42 3.58 -1.53
C VAL A 254 0.81 3.93 -2.35
N LEU A 255 1.78 4.59 -1.74
CA LEU A 255 2.98 4.96 -2.46
C LEU A 255 3.75 3.71 -2.87
N ARG A 256 3.61 2.64 -2.10
CA ARG A 256 4.29 1.38 -2.42
C ARG A 256 3.70 0.74 -3.67
N ILE A 257 2.40 0.93 -3.87
CA ILE A 257 1.74 0.36 -5.04
C ILE A 257 2.07 1.23 -6.24
N LEU A 258 2.22 2.53 -6.04
CA LEU A 258 2.57 3.43 -7.14
C LEU A 258 4.04 3.29 -7.53
N TYR A 259 4.89 2.94 -6.57
CA TYR A 259 6.30 2.77 -6.86
C TYR A 259 6.53 1.71 -7.91
N ALA A 260 5.74 0.64 -7.83
CA ALA A 260 5.85 -0.46 -8.78
C ALA A 260 5.11 -0.13 -10.06
N PHE A 261 3.97 0.53 -9.93
CA PHE A 261 3.20 0.89 -11.10
C PHE A 261 4.06 1.79 -11.96
N ALA A 262 5.04 2.43 -11.34
CA ALA A 262 5.90 3.35 -12.06
C ALA A 262 7.21 2.76 -12.51
N ASP A 263 7.46 1.50 -12.23
CA ASP A 263 8.70 0.87 -12.64
C ASP A 263 8.51 0.24 -14.02
N PHE A 264 8.06 1.04 -14.99
CA PHE A 264 7.82 0.53 -16.34
C PHE A 264 8.92 -0.34 -16.95
N ASP A 265 10.18 -0.07 -16.63
CA ASP A 265 11.25 -0.89 -17.23
C ASP A 265 11.61 -2.12 -16.40
N LYS A 266 10.90 -2.35 -15.31
CA LYS A 266 11.16 -3.50 -14.46
C LYS A 266 12.60 -3.59 -13.97
N SER A 267 13.30 -2.45 -13.87
CA SER A 267 14.69 -2.46 -13.43
C SER A 267 14.81 -2.59 -11.92
N GLY A 268 13.71 -2.37 -11.21
CA GLY A 268 13.75 -2.50 -9.78
C GLY A 268 13.65 -1.21 -9.01
N GLN A 269 14.13 -0.12 -9.61
CA GLN A 269 14.09 1.20 -8.97
C GLN A 269 13.68 2.29 -9.93
N LEU A 270 12.79 3.17 -9.48
CA LEU A 270 12.31 4.28 -10.30
C LEU A 270 13.42 5.23 -10.70
N SER A 271 13.16 5.97 -11.78
CA SER A 271 14.12 6.93 -12.31
C SER A 271 13.37 8.18 -12.80
N LYS A 272 14.05 9.33 -12.76
CA LYS A 272 13.49 10.61 -13.15
C LYS A 272 12.33 10.55 -14.15
N GLU A 273 12.58 9.96 -15.32
CA GLU A 273 11.56 9.86 -16.35
C GLU A 273 10.30 9.20 -15.74
N GLU A 274 10.50 8.02 -15.17
CA GLU A 274 9.44 7.24 -14.55
C GLU A 274 8.63 7.97 -13.49
N VAL A 275 9.32 8.57 -12.53
CA VAL A 275 8.63 9.31 -11.48
C VAL A 275 7.79 10.41 -12.10
N GLN A 276 8.37 11.08 -13.10
CA GLN A 276 7.70 12.18 -13.78
C GLN A 276 6.38 11.78 -14.41
N LYS A 277 6.39 10.65 -15.11
CA LYS A 277 5.18 10.15 -15.78
C LYS A 277 4.05 9.69 -14.84
N VAL A 278 4.37 9.49 -13.57
CA VAL A 278 3.36 9.09 -12.59
C VAL A 278 2.71 10.37 -12.08
N LEU A 279 3.52 11.31 -11.62
CA LEU A 279 3.00 12.58 -11.13
C LEU A 279 2.26 13.19 -12.31
N GLU A 280 2.64 12.72 -13.50
CA GLU A 280 2.02 13.17 -14.73
C GLU A 280 0.74 12.35 -14.91
N ASP A 281 0.90 11.03 -15.04
CA ASP A 281 -0.24 10.11 -15.19
C ASP A 281 -1.31 10.48 -14.18
N ALA A 282 -0.86 10.85 -12.99
CA ALA A 282 -1.74 11.19 -11.88
C ALA A 282 -2.49 12.52 -11.97
N HIS A 283 -2.07 13.41 -12.86
CA HIS A 283 -2.71 14.71 -13.03
C HIS A 283 -2.27 15.66 -11.91
N ILE A 284 -0.97 15.90 -11.83
CA ILE A 284 -0.42 16.79 -10.81
C ILE A 284 0.13 18.01 -11.51
N PRO A 285 -0.53 19.17 -11.33
CA PRO A 285 -0.12 20.45 -11.94
C PRO A 285 1.38 20.69 -11.90
N GLU A 286 1.91 21.27 -12.97
CA GLU A 286 3.33 21.60 -13.04
C GLU A 286 3.60 22.67 -11.96
N SER A 287 2.57 23.42 -11.65
CA SER A 287 2.69 24.46 -10.64
C SER A 287 2.88 23.85 -9.27
N ALA A 288 3.03 22.54 -9.21
CA ALA A 288 3.20 21.85 -7.94
C ALA A 288 4.42 20.94 -7.93
N ARG A 289 5.00 20.73 -9.10
CA ARG A 289 6.17 19.88 -9.25
C ARG A 289 7.27 20.59 -10.01
N LYS A 290 7.52 21.85 -9.65
CA LYS A 290 8.53 22.65 -10.32
C LYS A 290 9.97 22.41 -9.84
N LYS A 291 10.16 22.28 -8.53
CA LYS A 291 11.50 22.05 -8.00
C LYS A 291 11.81 20.57 -8.12
N PHE A 292 10.81 19.84 -8.63
CA PHE A 292 10.90 18.40 -8.82
C PHE A 292 12.28 17.89 -9.20
N GLU A 293 12.85 18.43 -10.27
CA GLU A 293 14.17 18.01 -10.72
C GLU A 293 15.23 18.12 -9.64
N HIS A 294 15.25 19.24 -8.92
CA HIS A 294 16.23 19.49 -7.87
C HIS A 294 16.06 18.57 -6.69
N GLN A 295 14.81 18.33 -6.33
CA GLN A 295 14.49 17.45 -5.22
C GLN A 295 14.96 16.03 -5.50
N PHE A 296 14.52 15.46 -6.62
CA PHE A 296 14.90 14.11 -7.02
C PHE A 296 16.36 13.81 -6.68
N SER A 297 17.22 14.80 -6.90
CA SER A 297 18.65 14.66 -6.64
C SER A 297 18.90 14.68 -5.15
N VAL A 298 18.19 15.57 -4.46
CA VAL A 298 18.31 15.70 -3.03
C VAL A 298 18.02 14.35 -2.38
N VAL A 299 16.89 13.77 -2.75
CA VAL A 299 16.41 12.48 -2.27
C VAL A 299 17.33 11.33 -2.68
N ASP A 300 17.76 11.35 -3.94
CA ASP A 300 18.64 10.33 -4.50
C ASP A 300 19.99 10.38 -3.76
N VAL A 301 20.01 9.86 -2.54
CA VAL A 301 21.21 9.88 -1.71
C VAL A 301 22.43 9.05 -2.15
N ASP A 302 22.22 7.88 -2.76
CA ASP A 302 23.38 7.10 -3.18
C ASP A 302 23.82 7.49 -4.60
N ASP A 303 23.20 8.55 -5.12
CA ASP A 303 23.54 9.05 -6.45
C ASP A 303 23.29 8.10 -7.61
N SER A 304 22.67 6.95 -7.36
CA SER A 304 22.40 5.99 -8.43
C SER A 304 21.62 6.65 -9.57
N LYS A 305 20.95 7.75 -9.26
CA LYS A 305 20.15 8.50 -10.22
C LYS A 305 18.78 7.87 -10.38
N SER A 306 18.51 6.87 -9.55
CA SER A 306 17.24 6.20 -9.53
C SER A 306 16.75 6.34 -8.09
N LEU A 307 15.52 5.94 -7.80
CA LEU A 307 15.02 6.07 -6.44
C LEU A 307 14.54 4.73 -5.87
N SER A 308 14.88 4.48 -4.60
CA SER A 308 14.45 3.28 -3.91
C SER A 308 13.13 3.63 -3.26
N TYR A 309 12.35 2.61 -2.90
CA TYR A 309 11.06 2.85 -2.27
C TYR A 309 11.19 3.90 -1.15
N GLN A 310 12.25 3.79 -0.35
CA GLN A 310 12.51 4.72 0.73
C GLN A 310 12.72 6.16 0.22
N GLU A 311 13.31 6.29 -0.96
CA GLU A 311 13.57 7.60 -1.57
C GLU A 311 12.34 8.17 -2.24
N PHE A 312 11.59 7.32 -2.92
CA PHE A 312 10.37 7.75 -3.57
C PHE A 312 9.46 8.26 -2.45
N VAL A 313 9.53 7.60 -1.29
CA VAL A 313 8.73 7.99 -0.14
C VAL A 313 9.16 9.33 0.42
N MET A 314 10.46 9.56 0.51
CA MET A 314 10.94 10.83 1.02
C MET A 314 10.50 11.89 0.02
N LEU A 315 10.75 11.62 -1.26
CA LEU A 315 10.37 12.53 -2.33
C LEU A 315 8.92 13.00 -2.16
N VAL A 316 7.98 12.09 -2.40
CA VAL A 316 6.57 12.43 -2.27
C VAL A 316 6.30 13.36 -1.10
N LEU A 317 6.79 12.99 0.07
CA LEU A 317 6.60 13.80 1.27
C LEU A 317 7.15 15.21 1.07
N LEU A 318 8.45 15.29 0.84
CA LEU A 318 9.15 16.56 0.62
C LEU A 318 8.42 17.51 -0.33
N MET A 319 8.03 17.01 -1.48
CA MET A 319 7.33 17.79 -2.49
C MET A 319 5.92 18.21 -2.09
N PHE A 320 5.15 17.33 -1.48
CA PHE A 320 3.78 17.66 -1.14
C PHE A 320 3.44 17.70 0.34
N HIS A 321 4.45 17.67 1.20
CA HIS A 321 4.22 17.74 2.63
C HIS A 321 5.50 18.14 3.35
#